data_2NCW
#
_entry.id   2NCW
#
_entity_poly.entity_id   1
_entity_poly.type   'polypeptide(L)'
_entity_poly.pdbx_seq_one_letter_code
;WWWKYEITTIHNLFRKLTHRLFRR
;
_entity_poly.pdbx_strand_id   A
#
# COMPACT_ATOMS: atom_id res chain seq x y z
N TRP A 1 2.99 4.24 11.53
CA TRP A 1 2.69 5.29 10.56
C TRP A 1 1.42 6.04 10.95
N TRP A 2 1.59 7.29 11.38
CA TRP A 2 0.45 8.11 11.79
C TRP A 2 -0.07 8.93 10.61
N TRP A 3 0.80 9.18 9.64
CA TRP A 3 0.42 9.95 8.46
C TRP A 3 -0.19 9.05 7.39
N LYS A 4 -0.66 7.88 7.81
CA LYS A 4 -1.27 6.93 6.89
C LYS A 4 -2.43 7.57 6.14
N TYR A 5 -2.97 8.66 6.68
CA TYR A 5 -4.08 9.36 6.06
C TYR A 5 -3.72 9.80 4.65
N GLU A 6 -2.43 10.01 4.41
CA GLU A 6 -1.96 10.46 3.11
C GLU A 6 -1.55 9.26 2.25
N ILE A 7 -1.57 8.08 2.85
CA ILE A 7 -1.19 6.85 2.15
C ILE A 7 -2.42 6.06 1.73
N THR A 8 -3.43 6.05 2.60
CA THR A 8 -4.67 5.32 2.32
C THR A 8 -5.20 5.65 0.94
N THR A 9 -4.85 6.84 0.44
CA THR A 9 -5.29 7.27 -0.88
C THR A 9 -4.86 6.29 -1.96
N ILE A 10 -3.58 5.94 -1.96
CA ILE A 10 -3.06 5.00 -2.94
C ILE A 10 -3.00 3.58 -2.37
N HIS A 11 -2.98 3.49 -1.05
CA HIS A 11 -2.93 2.19 -0.38
C HIS A 11 -4.08 1.30 -0.84
N ASN A 12 -5.12 1.91 -1.39
CA ASN A 12 -6.28 1.18 -1.86
C ASN A 12 -5.99 0.50 -3.19
N LEU A 13 -4.93 0.93 -3.85
CA LEU A 13 -4.53 0.36 -5.14
C LEU A 13 -3.12 -0.22 -5.07
N PHE A 14 -2.36 0.21 -4.07
CA PHE A 14 -1.00 -0.27 -3.89
C PHE A 14 -0.99 -1.67 -3.29
N ARG A 15 -2.07 -2.01 -2.60
CA ARG A 15 -2.18 -3.32 -1.97
C ARG A 15 -1.99 -4.44 -3.00
N LYS A 16 -2.28 -4.14 -4.25
CA LYS A 16 -2.14 -5.11 -5.34
C LYS A 16 -0.67 -5.36 -5.66
N LEU A 17 0.17 -4.35 -5.38
CA LEU A 17 1.60 -4.46 -5.64
C LEU A 17 2.31 -5.12 -4.47
N THR A 18 1.83 -4.86 -3.26
CA THR A 18 2.43 -5.43 -2.06
C THR A 18 2.52 -6.95 -2.16
N HIS A 19 1.50 -7.57 -2.77
CA HIS A 19 1.48 -9.01 -2.94
C HIS A 19 2.69 -9.50 -3.71
N ARG A 20 3.32 -8.60 -4.46
CA ARG A 20 4.49 -8.93 -5.25
C ARG A 20 5.76 -8.40 -4.60
N LEU A 21 5.61 -7.31 -3.82
CA LEU A 21 6.74 -6.71 -3.14
C LEU A 21 7.16 -7.55 -1.93
N PHE A 22 6.35 -7.54 -0.89
CA PHE A 22 6.64 -8.29 0.32
C PHE A 22 6.97 -9.75 -0.02
N ARG A 23 6.34 -10.26 -1.07
CA ARG A 23 6.56 -11.64 -1.49
C ARG A 23 7.82 -11.75 -2.34
N ARG A 24 8.11 -10.70 -3.10
CA ARG A 24 9.30 -10.67 -3.95
C ARG A 24 9.94 -9.28 -3.96
N TRP A 1 4.15 4.03 11.23
CA TRP A 1 3.65 5.12 10.38
C TRP A 1 2.38 5.72 10.97
N TRP A 2 2.48 6.95 11.45
CA TRP A 2 1.33 7.63 12.04
C TRP A 2 0.50 8.32 10.96
N TRP A 3 1.18 8.77 9.90
CA TRP A 3 0.51 9.44 8.80
C TRP A 3 0.04 8.45 7.75
N LYS A 4 -0.23 7.22 8.18
CA LYS A 4 -0.69 6.16 7.28
C LYS A 4 -2.03 6.54 6.65
N TYR A 5 -2.70 7.52 7.24
CA TYR A 5 -3.99 7.97 6.74
C TYR A 5 -3.86 8.52 5.32
N GLU A 6 -2.79 9.24 5.06
CA GLU A 6 -2.54 9.83 3.75
C GLU A 6 -2.21 8.74 2.74
N ILE A 7 -1.52 7.69 3.20
CA ILE A 7 -1.13 6.59 2.33
C ILE A 7 -2.36 5.83 1.83
N THR A 8 -3.38 5.74 2.67
CA THR A 8 -4.61 5.05 2.29
C THR A 8 -5.05 5.43 0.89
N THR A 9 -4.76 6.66 0.49
CA THR A 9 -5.14 7.14 -0.83
C THR A 9 -4.59 6.24 -1.93
N ILE A 10 -3.27 6.16 -2.02
CA ILE A 10 -2.62 5.33 -3.02
C ILE A 10 -2.61 3.87 -2.60
N HIS A 11 -2.71 3.63 -1.30
CA HIS A 11 -2.71 2.28 -0.75
C HIS A 11 -3.79 1.44 -1.41
N ASN A 12 -4.79 2.10 -1.99
CA ASN A 12 -5.88 1.42 -2.65
C ASN A 12 -5.43 0.84 -3.99
N LEU A 13 -4.32 1.35 -4.51
CA LEU A 13 -3.79 0.88 -5.78
C LEU A 13 -2.40 0.29 -5.60
N PHE A 14 -1.74 0.66 -4.50
CA PHE A 14 -0.40 0.15 -4.22
C PHE A 14 -0.46 -1.29 -3.70
N ARG A 15 -1.56 -1.63 -3.04
CA ARG A 15 -1.74 -2.97 -2.50
C ARG A 15 -1.72 -4.01 -3.62
N LYS A 16 -2.12 -3.60 -4.82
CA LYS A 16 -2.14 -4.49 -5.97
C LYS A 16 -0.74 -4.93 -6.35
N LEU A 17 0.25 -4.11 -6.02
CA LEU A 17 1.64 -4.42 -6.33
C LEU A 17 2.25 -5.28 -5.23
N THR A 18 1.82 -5.07 -4.00
CA THR A 18 2.33 -5.82 -2.86
C THR A 18 1.97 -7.30 -2.97
N HIS A 19 0.81 -7.58 -3.55
CA HIS A 19 0.35 -8.95 -3.73
C HIS A 19 1.39 -9.78 -4.48
N ARG A 20 2.05 -9.15 -5.46
CA ARG A 20 3.06 -9.83 -6.25
C ARG A 20 4.46 -9.38 -5.84
N LEU A 21 4.52 -8.40 -4.95
CA LEU A 21 5.80 -7.89 -4.47
C LEU A 21 6.07 -8.35 -3.04
N PHE A 22 5.39 -7.72 -2.09
CA PHE A 22 5.56 -8.06 -0.68
C PHE A 22 5.38 -9.57 -0.47
N ARG A 23 4.53 -10.19 -1.27
CA ARG A 23 4.28 -11.61 -1.17
C ARG A 23 4.79 -12.35 -2.40
N ARG A 24 5.80 -11.78 -3.04
CA ARG A 24 6.38 -12.38 -4.24
C ARG A 24 6.76 -13.83 -3.99
N TRP A 1 2.73 4.10 11.41
CA TRP A 1 2.48 5.14 10.42
C TRP A 1 1.23 5.94 10.77
N TRP A 2 1.42 7.18 11.19
CA TRP A 2 0.30 8.04 11.55
C TRP A 2 -0.16 8.87 10.36
N TRP A 3 0.74 9.09 9.41
CA TRP A 3 0.43 9.87 8.22
C TRP A 3 -0.17 8.98 7.13
N LYS A 4 -0.70 7.83 7.54
CA LYS A 4 -1.31 6.89 6.60
C LYS A 4 -2.41 7.56 5.80
N TYR A 5 -2.94 8.66 6.33
CA TYR A 5 -4.01 9.39 5.67
C TYR A 5 -3.59 9.82 4.26
N GLU A 6 -2.29 10.00 4.08
CA GLU A 6 -1.75 10.41 2.78
C GLU A 6 -1.32 9.20 1.96
N ILE A 7 -1.41 8.02 2.56
CA ILE A 7 -1.02 6.80 1.88
C ILE A 7 -2.25 6.02 1.42
N THR A 8 -3.30 6.04 2.24
CA THR A 8 -4.54 5.34 1.91
C THR A 8 -5.00 5.67 0.50
N THR A 9 -4.61 6.84 0.01
CA THR A 9 -4.98 7.28 -1.32
C THR A 9 -4.54 6.28 -2.38
N ILE A 10 -3.26 5.89 -2.32
CA ILE A 10 -2.71 4.94 -3.27
C ILE A 10 -2.71 3.53 -2.69
N HIS A 11 -2.75 3.44 -1.37
CA HIS A 11 -2.76 2.15 -0.69
C HIS A 11 -3.91 1.28 -1.19
N ASN A 12 -4.91 1.92 -1.79
CA ASN A 12 -6.08 1.20 -2.31
C ASN A 12 -5.74 0.50 -3.61
N LEU A 13 -4.64 0.92 -4.24
CA LEU A 13 -4.21 0.33 -5.50
C LEU A 13 -2.82 -0.29 -5.37
N PHE A 14 -2.09 0.13 -4.34
CA PHE A 14 -0.75 -0.38 -4.10
C PHE A 14 -0.80 -1.78 -3.49
N ARG A 15 -1.88 -2.08 -2.79
CA ARG A 15 -2.06 -3.37 -2.16
C ARG A 15 -1.92 -4.50 -3.18
N LYS A 16 -2.24 -4.20 -4.43
CA LYS A 16 -2.15 -5.18 -5.50
C LYS A 16 -0.70 -5.55 -5.79
N LEU A 17 0.21 -4.63 -5.48
CA LEU A 17 1.63 -4.85 -5.70
C LEU A 17 2.28 -5.49 -4.47
N THR A 18 1.78 -5.13 -3.30
CA THR A 18 2.32 -5.66 -2.04
C THR A 18 2.27 -7.19 -2.04
N HIS A 19 1.22 -7.75 -2.62
CA HIS A 19 1.07 -9.19 -2.68
C HIS A 19 2.18 -9.83 -3.49
N ARG A 20 2.83 -9.02 -4.33
CA ARG A 20 3.92 -9.50 -5.16
C ARG A 20 5.26 -8.99 -4.66
N LEU A 21 5.22 -7.98 -3.79
CA LEU A 21 6.44 -7.41 -3.23
C LEU A 21 6.82 -8.10 -1.93
N PHE A 22 5.82 -8.52 -1.17
CA PHE A 22 6.05 -9.20 0.10
C PHE A 22 6.36 -10.68 -0.12
N ARG A 23 5.86 -11.22 -1.23
CA ARG A 23 6.09 -12.62 -1.56
C ARG A 23 7.40 -12.79 -2.33
N ARG A 24 7.74 -11.79 -3.14
CA ARG A 24 8.97 -11.83 -3.93
C ARG A 24 10.20 -11.70 -3.04
N TRP A 1 2.42 2.46 10.47
CA TRP A 1 2.45 3.73 9.75
C TRP A 1 1.43 4.71 10.34
N TRP A 2 1.92 5.74 10.99
CA TRP A 2 1.06 6.75 11.60
C TRP A 2 0.42 7.64 10.53
N TRP A 3 1.18 7.90 9.48
CA TRP A 3 0.69 8.73 8.38
C TRP A 3 0.00 7.90 7.31
N LYS A 4 -0.59 6.79 7.73
CA LYS A 4 -1.30 5.90 6.82
C LYS A 4 -2.52 6.58 6.21
N TYR A 5 -2.90 7.71 6.80
CA TYR A 5 -4.05 8.47 6.32
C TYR A 5 -3.79 9.04 4.92
N GLU A 6 -2.54 9.37 4.65
CA GLU A 6 -2.16 9.92 3.36
C GLU A 6 -1.85 8.81 2.36
N ILE A 7 -1.30 7.71 2.86
CA ILE A 7 -0.96 6.57 2.01
C ILE A 7 -2.20 5.78 1.63
N THR A 8 -3.15 5.69 2.55
CA THR A 8 -4.39 4.96 2.30
C THR A 8 -5.00 5.35 0.96
N THR A 9 -4.71 6.56 0.52
CA THR A 9 -5.23 7.06 -0.76
C THR A 9 -4.84 6.13 -1.90
N ILE A 10 -3.54 5.95 -2.10
CA ILE A 10 -3.04 5.08 -3.16
C ILE A 10 -2.94 3.64 -2.70
N HIS A 11 -2.84 3.46 -1.38
CA HIS A 11 -2.74 2.12 -0.80
C HIS A 11 -3.90 1.24 -1.25
N ASN A 12 -4.98 1.88 -1.70
CA ASN A 12 -6.16 1.15 -2.16
C ASN A 12 -5.92 0.55 -3.55
N LEU A 13 -4.90 1.06 -4.24
CA LEU A 13 -4.57 0.59 -5.58
C LEU A 13 -3.16 0.04 -5.62
N PHE A 14 -2.35 0.41 -4.63
CA PHE A 14 -0.97 -0.06 -4.55
C PHE A 14 -0.90 -1.49 -4.06
N ARG A 15 -2.05 -2.02 -3.65
CA ARG A 15 -2.12 -3.40 -3.15
C ARG A 15 -1.65 -4.39 -4.21
N LYS A 16 -1.76 -3.98 -5.48
CA LYS A 16 -1.35 -4.84 -6.59
C LYS A 16 0.16 -4.76 -6.80
N LEU A 17 0.84 -3.96 -5.98
CA LEU A 17 2.28 -3.79 -6.08
C LEU A 17 2.96 -4.20 -4.78
N THR A 18 2.26 -4.01 -3.67
CA THR A 18 2.79 -4.37 -2.35
C THR A 18 2.91 -5.87 -2.19
N HIS A 19 1.89 -6.60 -2.64
CA HIS A 19 1.89 -8.06 -2.55
C HIS A 19 3.00 -8.65 -3.41
N ARG A 20 3.58 -7.83 -4.27
CA ARG A 20 4.65 -8.29 -5.15
C ARG A 20 5.93 -7.51 -4.90
N LEU A 21 5.87 -6.54 -3.98
CA LEU A 21 7.03 -5.72 -3.64
C LEU A 21 7.74 -6.28 -2.41
N PHE A 22 7.19 -6.00 -1.23
CA PHE A 22 7.77 -6.47 0.02
C PHE A 22 7.58 -7.98 0.18
N ARG A 23 6.46 -8.48 -0.34
CA ARG A 23 6.15 -9.90 -0.24
C ARG A 23 7.20 -10.73 -0.98
N ARG A 24 7.68 -10.20 -2.11
CA ARG A 24 8.69 -10.89 -2.91
C ARG A 24 9.09 -10.05 -4.11
N TRP A 1 4.22 4.83 11.03
CA TRP A 1 3.70 5.85 10.13
C TRP A 1 2.44 6.48 10.69
N TRP A 2 2.54 7.74 11.11
CA TRP A 2 1.40 8.45 11.67
C TRP A 2 0.56 9.08 10.57
N TRP A 3 1.20 9.46 9.47
CA TRP A 3 0.50 10.06 8.35
C TRP A 3 0.01 9.00 7.37
N LYS A 4 -0.24 7.80 7.90
CA LYS A 4 -0.73 6.71 7.07
C LYS A 4 -2.08 7.04 6.45
N TYR A 5 -2.74 8.05 6.99
CA TYR A 5 -4.04 8.47 6.49
C TYR A 5 -3.94 8.92 5.03
N GLU A 6 -2.87 9.63 4.71
CA GLU A 6 -2.66 10.12 3.35
C GLU A 6 -2.34 8.97 2.41
N ILE A 7 -1.65 7.96 2.93
CA ILE A 7 -1.29 6.80 2.12
C ILE A 7 -2.52 6.01 1.69
N THR A 8 -3.53 5.98 2.55
CA THR A 8 -4.77 5.27 2.27
C THR A 8 -5.25 5.56 0.86
N THR A 9 -4.96 6.77 0.37
CA THR A 9 -5.37 7.17 -0.97
C THR A 9 -4.86 6.18 -2.02
N ILE A 10 -3.54 6.10 -2.15
CA ILE A 10 -2.92 5.20 -3.11
C ILE A 10 -2.91 3.77 -2.59
N HIS A 11 -2.95 3.62 -1.27
CA HIS A 11 -2.96 2.30 -0.65
C HIS A 11 -4.07 1.43 -1.21
N ASN A 12 -5.08 2.07 -1.81
CA ASN A 12 -6.21 1.36 -2.37
C ASN A 12 -5.81 0.70 -3.69
N LEU A 13 -4.72 1.16 -4.28
CA LEU A 13 -4.24 0.61 -5.54
C LEU A 13 -2.84 0.04 -5.40
N PHE A 14 -2.15 0.45 -4.32
CA PHE A 14 -0.79 -0.01 -4.06
C PHE A 14 -0.81 -1.45 -3.53
N ARG A 15 -1.93 -1.84 -2.94
CA ARG A 15 -2.07 -3.20 -2.40
C ARG A 15 -1.78 -4.25 -3.46
N LYS A 16 -2.01 -3.90 -4.71
CA LYS A 16 -1.78 -4.81 -5.82
C LYS A 16 -0.28 -5.07 -6.00
N LEU A 17 0.54 -4.12 -5.56
CA LEU A 17 1.99 -4.26 -5.67
C LEU A 17 2.56 -4.91 -4.42
N THR A 18 1.95 -4.64 -3.27
CA THR A 18 2.40 -5.20 -2.01
C THR A 18 2.45 -6.72 -2.07
N HIS A 19 1.48 -7.31 -2.76
CA HIS A 19 1.41 -8.76 -2.90
C HIS A 19 2.63 -9.29 -3.64
N ARG A 20 3.29 -8.42 -4.40
CA ARG A 20 4.47 -8.80 -5.15
C ARG A 20 5.74 -8.26 -4.51
N LEU A 21 5.57 -7.30 -3.61
CA LEU A 21 6.70 -6.68 -2.91
C LEU A 21 7.01 -7.43 -1.62
N PHE A 22 5.97 -7.94 -0.97
CA PHE A 22 6.14 -8.68 0.27
C PHE A 22 6.47 -10.14 0.00
N ARG A 23 6.04 -10.64 -1.16
CA ARG A 23 6.29 -12.01 -1.54
C ARG A 23 7.54 -12.13 -2.39
N ARG A 24 7.84 -11.07 -3.15
CA ARG A 24 9.01 -11.05 -4.01
C ARG A 24 9.61 -9.65 -4.08
N TRP A 1 3.40 4.62 11.32
CA TRP A 1 3.17 5.68 10.34
C TRP A 1 2.03 6.59 10.80
N TRP A 2 2.37 7.82 11.15
CA TRP A 2 1.38 8.79 11.60
C TRP A 2 0.72 9.49 10.42
N TRP A 3 1.47 9.66 9.34
CA TRP A 3 0.95 10.31 8.14
C TRP A 3 0.33 9.29 7.19
N LYS A 4 -0.16 8.19 7.76
CA LYS A 4 -0.78 7.14 6.96
C LYS A 4 -2.05 7.65 6.28
N TYR A 5 -2.54 8.79 6.74
CA TYR A 5 -3.75 9.39 6.17
C TYR A 5 -3.53 9.74 4.70
N GLU A 6 -2.28 10.00 4.33
CA GLU A 6 -1.95 10.36 2.96
C GLU A 6 -1.55 9.11 2.16
N ILE A 7 -1.63 7.95 2.81
CA ILE A 7 -1.28 6.70 2.16
C ILE A 7 -2.52 5.93 1.73
N THR A 8 -3.55 5.98 2.57
CA THR A 8 -4.80 5.28 2.28
C THR A 8 -5.28 5.58 0.86
N THR A 9 -4.94 6.76 0.37
CA THR A 9 -5.33 7.16 -0.98
C THR A 9 -4.87 6.15 -2.02
N ILE A 10 -3.57 5.85 -2.01
CA ILE A 10 -3.00 4.89 -2.94
C ILE A 10 -3.04 3.47 -2.38
N HIS A 11 -3.11 3.37 -1.05
CA HIS A 11 -3.16 2.07 -0.38
C HIS A 11 -4.33 1.24 -0.91
N ASN A 12 -5.29 1.91 -1.54
CA ASN A 12 -6.45 1.23 -2.08
C ASN A 12 -6.11 0.53 -3.40
N LEU A 13 -5.00 0.94 -4.00
CA LEU A 13 -4.57 0.35 -5.27
C LEU A 13 -3.18 -0.27 -5.12
N PHE A 14 -2.49 0.10 -4.05
CA PHE A 14 -1.15 -0.43 -3.79
C PHE A 14 -1.22 -1.85 -3.23
N ARG A 15 -2.35 -2.18 -2.62
CA ARG A 15 -2.55 -3.51 -2.04
C ARG A 15 -2.32 -4.60 -3.08
N LYS A 16 -2.53 -4.24 -4.35
CA LYS A 16 -2.35 -5.19 -5.44
C LYS A 16 -0.87 -5.46 -5.70
N LEU A 17 -0.03 -4.49 -5.34
CA LEU A 17 1.41 -4.62 -5.54
C LEU A 17 2.04 -5.41 -4.39
N THR A 18 1.50 -5.24 -3.19
CA THR A 18 2.00 -5.93 -2.02
C THR A 18 2.02 -7.44 -2.23
N HIS A 19 1.00 -7.95 -2.92
CA HIS A 19 0.90 -9.39 -3.20
C HIS A 19 2.16 -9.89 -3.90
N ARG A 20 2.83 -8.99 -4.61
CA ARG A 20 4.05 -9.34 -5.33
C ARG A 20 5.29 -8.85 -4.58
N LEU A 21 5.13 -7.81 -3.79
CA LEU A 21 6.23 -7.25 -3.01
C LEU A 21 6.57 -8.14 -1.83
N PHE A 22 5.55 -8.79 -1.27
CA PHE A 22 5.75 -9.68 -0.13
C PHE A 22 6.02 -11.10 -0.59
N ARG A 23 5.52 -11.44 -1.78
CA ARG A 23 5.71 -12.78 -2.33
C ARG A 23 7.18 -13.17 -2.31
N ARG A 24 8.06 -12.19 -2.45
CA ARG A 24 9.49 -12.43 -2.46
C ARG A 24 9.93 -13.13 -1.18
N TRP A 1 5.12 5.49 10.62
CA TRP A 1 4.30 6.38 9.81
C TRP A 1 2.95 6.65 10.47
N TRP A 2 2.79 7.88 10.98
CA TRP A 2 1.54 8.26 11.64
C TRP A 2 0.57 8.87 10.65
N TRP A 3 1.09 9.43 9.57
CA TRP A 3 0.26 10.06 8.55
C TRP A 3 -0.18 9.04 7.51
N LYS A 4 -0.17 7.76 7.89
CA LYS A 4 -0.57 6.69 6.99
C LYS A 4 -1.96 6.93 6.44
N TYR A 5 -2.75 7.74 7.15
CA TYR A 5 -4.11 8.06 6.73
C TYR A 5 -4.12 8.57 5.29
N GLU A 6 -3.14 9.40 4.94
CA GLU A 6 -3.04 9.95 3.60
C GLU A 6 -2.65 8.88 2.60
N ILE A 7 -1.84 7.93 3.05
CA ILE A 7 -1.38 6.83 2.19
C ILE A 7 -2.54 5.92 1.80
N THR A 8 -3.48 5.74 2.72
CA THR A 8 -4.63 4.88 2.47
C THR A 8 -5.22 5.15 1.10
N THR A 9 -5.12 6.40 0.64
CA THR A 9 -5.65 6.79 -0.66
C THR A 9 -5.08 5.90 -1.77
N ILE A 10 -3.77 5.99 -1.97
CA ILE A 10 -3.10 5.19 -2.99
C ILE A 10 -2.88 3.76 -2.53
N HIS A 11 -2.84 3.58 -1.21
CA HIS A 11 -2.64 2.25 -0.64
C HIS A 11 -3.67 1.26 -1.18
N ASN A 12 -4.78 1.78 -1.69
CA ASN A 12 -5.84 0.95 -2.23
C ASN A 12 -5.44 0.38 -3.59
N LEU A 13 -4.44 0.99 -4.21
CA LEU A 13 -3.96 0.54 -5.51
C LEU A 13 -2.50 0.13 -5.45
N PHE A 14 -1.81 0.61 -4.41
CA PHE A 14 -0.39 0.29 -4.23
C PHE A 14 -0.21 -1.13 -3.72
N ARG A 15 -1.31 -1.74 -3.27
CA ARG A 15 -1.27 -3.10 -2.77
C ARG A 15 -1.24 -4.11 -3.90
N LYS A 16 -1.73 -3.69 -5.07
CA LYS A 16 -1.76 -4.55 -6.24
C LYS A 16 -0.36 -5.07 -6.56
N LEU A 17 0.66 -4.34 -6.14
CA LEU A 17 2.05 -4.73 -6.39
C LEU A 17 2.62 -5.48 -5.18
N THR A 18 2.17 -5.09 -3.99
CA THR A 18 2.64 -5.72 -2.76
C THR A 18 2.35 -7.22 -2.76
N HIS A 19 1.22 -7.60 -3.32
CA HIS A 19 0.82 -9.01 -3.39
C HIS A 19 1.82 -9.80 -4.23
N ARG A 20 2.54 -9.10 -5.10
CA ARG A 20 3.52 -9.74 -5.97
C ARG A 20 4.94 -9.46 -5.49
N LEU A 21 5.08 -8.47 -4.61
CA LEU A 21 6.38 -8.09 -4.07
C LEU A 21 6.69 -8.88 -2.79
N PHE A 22 5.64 -9.16 -2.02
CA PHE A 22 5.80 -9.89 -0.77
C PHE A 22 5.74 -11.40 -1.03
N ARG A 23 5.06 -11.79 -2.09
CA ARG A 23 4.92 -13.19 -2.45
C ARG A 23 5.94 -13.58 -3.52
N ARG A 24 6.29 -12.63 -4.38
CA ARG A 24 7.24 -12.87 -5.45
C ARG A 24 6.74 -13.97 -6.38
N TRP A 1 3.73 4.45 10.98
CA TRP A 1 3.40 5.56 10.09
C TRP A 1 2.22 6.36 10.64
N TRP A 2 2.50 7.58 11.08
CA TRP A 2 1.47 8.46 11.62
C TRP A 2 0.74 9.20 10.51
N TRP A 3 1.46 9.50 9.44
CA TRP A 3 0.88 10.20 8.29
C TRP A 3 0.29 9.22 7.29
N LYS A 4 -0.13 8.06 7.78
CA LYS A 4 -0.72 7.05 6.92
C LYS A 4 -1.99 7.55 6.25
N TYR A 5 -2.54 8.64 6.79
CA TYR A 5 -3.75 9.23 6.24
C TYR A 5 -3.56 9.63 4.78
N GLU A 6 -2.32 9.98 4.43
CA GLU A 6 -1.99 10.38 3.07
C GLU A 6 -1.59 9.18 2.22
N ILE A 7 -1.63 8.00 2.84
CA ILE A 7 -1.27 6.77 2.14
C ILE A 7 -2.51 5.99 1.73
N THR A 8 -3.53 5.99 2.59
CA THR A 8 -4.77 5.29 2.31
C THR A 8 -5.28 5.60 0.91
N THR A 9 -4.98 6.81 0.43
CA THR A 9 -5.41 7.24 -0.89
C THR A 9 -4.95 6.25 -1.96
N ILE A 10 -3.66 5.97 -1.98
CA ILE A 10 -3.09 5.05 -2.96
C ILE A 10 -3.09 3.61 -2.41
N HIS A 11 -3.13 3.49 -1.10
CA HIS A 11 -3.14 2.18 -0.45
C HIS A 11 -4.28 1.32 -0.98
N ASN A 12 -5.28 1.96 -1.58
CA ASN A 12 -6.43 1.27 -2.13
C ASN A 12 -6.08 0.58 -3.44
N LEU A 13 -4.98 1.03 -4.05
CA LEU A 13 -4.53 0.46 -5.32
C LEU A 13 -3.14 -0.16 -5.17
N PHE A 14 -2.42 0.25 -4.13
CA PHE A 14 -1.08 -0.26 -3.88
C PHE A 14 -1.14 -1.67 -3.27
N ARG A 15 -2.24 -1.96 -2.59
CA ARG A 15 -2.43 -3.26 -1.96
C ARG A 15 -2.29 -4.39 -2.97
N LYS A 16 -2.57 -4.08 -4.24
CA LYS A 16 -2.47 -5.06 -5.30
C LYS A 16 -1.01 -5.35 -5.64
N LEU A 17 -0.14 -4.39 -5.38
CA LEU A 17 1.28 -4.55 -5.65
C LEU A 17 1.99 -5.24 -4.49
N THR A 18 1.50 -5.00 -3.28
CA THR A 18 2.09 -5.60 -2.08
C THR A 18 2.11 -7.12 -2.20
N HIS A 19 1.08 -7.69 -2.80
CA HIS A 19 0.98 -9.13 -2.97
C HIS A 19 2.10 -9.64 -3.88
N ARG A 20 2.73 -8.73 -4.60
CA ARG A 20 3.80 -9.09 -5.51
C ARG A 20 5.15 -8.56 -5.00
N LEU A 21 5.09 -7.61 -4.07
CA LEU A 21 6.29 -7.02 -3.50
C LEU A 21 6.73 -7.77 -2.25
N PHE A 22 5.75 -8.27 -1.50
CA PHE A 22 6.04 -9.01 -0.27
C PHE A 22 6.61 -10.39 -0.60
N ARG A 23 5.75 -11.30 -1.05
CA ARG A 23 6.17 -12.65 -1.39
C ARG A 23 6.54 -12.74 -2.87
N ARG A 24 7.30 -11.76 -3.35
CA ARG A 24 7.72 -11.73 -4.75
C ARG A 24 8.36 -13.06 -5.14
N TRP A 1 3.48 3.89 11.10
CA TRP A 1 3.08 4.97 10.21
C TRP A 1 1.80 5.64 10.70
N TRP A 2 1.93 6.86 11.19
CA TRP A 2 0.78 7.60 11.69
C TRP A 2 0.16 8.46 10.58
N TRP A 3 0.97 8.79 9.59
CA TRP A 3 0.49 9.60 8.46
C TRP A 3 -0.12 8.73 7.38
N LYS A 4 -0.52 7.52 7.75
CA LYS A 4 -1.12 6.59 6.81
C LYS A 4 -2.35 7.20 6.15
N TYR A 5 -2.91 8.22 6.77
CA TYR A 5 -4.09 8.90 6.24
C TYR A 5 -3.81 9.44 4.84
N GLU A 6 -2.56 9.73 4.56
CA GLU A 6 -2.16 10.26 3.26
C GLU A 6 -1.73 9.13 2.32
N ILE A 7 -1.66 7.92 2.86
CA ILE A 7 -1.26 6.75 2.07
C ILE A 7 -2.47 5.90 1.68
N THR A 8 -3.43 5.81 2.59
CA THR A 8 -4.64 5.03 2.33
C THR A 8 -5.26 5.40 0.98
N THR A 9 -4.99 6.62 0.53
CA THR A 9 -5.52 7.11 -0.73
C THR A 9 -5.10 6.19 -1.88
N ILE A 10 -3.79 5.91 -1.96
CA ILE A 10 -3.27 5.05 -3.01
C ILE A 10 -3.12 3.62 -2.53
N HIS A 11 -3.03 3.45 -1.21
CA HIS A 11 -2.88 2.13 -0.61
C HIS A 11 -4.01 1.21 -1.06
N ASN A 12 -5.10 1.79 -1.53
CA ASN A 12 -6.25 1.03 -1.99
C ASN A 12 -5.98 0.42 -3.37
N LEU A 13 -4.98 0.95 -4.05
CA LEU A 13 -4.62 0.46 -5.38
C LEU A 13 -3.18 -0.05 -5.40
N PHE A 14 -2.39 0.37 -4.42
CA PHE A 14 -1.00 -0.04 -4.32
C PHE A 14 -0.90 -1.47 -3.80
N ARG A 15 -1.87 -1.88 -3.00
CA ARG A 15 -1.89 -3.22 -2.42
C ARG A 15 -1.79 -4.28 -3.52
N LYS A 16 -2.36 -3.97 -4.68
CA LYS A 16 -2.34 -4.89 -5.81
C LYS A 16 -0.91 -5.22 -6.22
N LEU A 17 0.01 -4.30 -5.93
CA LEU A 17 1.41 -4.49 -6.27
C LEU A 17 2.18 -5.07 -5.09
N THR A 18 1.78 -4.69 -3.88
CA THR A 18 2.44 -5.18 -2.67
C THR A 18 2.40 -6.70 -2.60
N HIS A 19 1.30 -7.29 -3.05
CA HIS A 19 1.14 -8.73 -3.04
C HIS A 19 2.16 -9.40 -3.95
N ARG A 20 2.66 -8.64 -4.92
CA ARG A 20 3.64 -9.16 -5.86
C ARG A 20 5.04 -8.65 -5.53
N LEU A 21 5.11 -7.65 -4.65
CA LEU A 21 6.38 -7.08 -4.24
C LEU A 21 6.86 -7.70 -2.94
N PHE A 22 5.93 -8.22 -2.15
CA PHE A 22 6.26 -8.84 -0.87
C PHE A 22 6.42 -10.36 -1.04
N ARG A 23 5.29 -11.05 -1.16
CA ARG A 23 5.30 -12.50 -1.32
C ARG A 23 5.04 -12.89 -2.77
N ARG A 24 5.36 -11.98 -3.68
CA ARG A 24 5.16 -12.23 -5.11
C ARG A 24 3.73 -12.70 -5.39
N TRP A 1 4.02 4.71 11.39
CA TRP A 1 3.51 5.63 10.39
C TRP A 1 2.19 6.25 10.84
N TRP A 2 2.21 7.54 11.15
CA TRP A 2 1.01 8.23 11.59
C TRP A 2 0.34 8.96 10.44
N TRP A 3 1.11 9.22 9.38
CA TRP A 3 0.58 9.90 8.20
C TRP A 3 -0.03 8.91 7.23
N LYS A 4 -0.34 7.71 7.72
CA LYS A 4 -0.95 6.67 6.90
C LYS A 4 -2.24 7.16 6.26
N TYR A 5 -2.83 8.21 6.84
CA TYR A 5 -4.06 8.78 6.34
C TYR A 5 -3.91 9.22 4.89
N GLU A 6 -2.69 9.60 4.51
CA GLU A 6 -2.40 10.04 3.16
C GLU A 6 -1.94 8.88 2.29
N ILE A 7 -1.92 7.68 2.86
CA ILE A 7 -1.49 6.49 2.15
C ILE A 7 -2.70 5.66 1.71
N THR A 8 -3.71 5.58 2.57
CA THR A 8 -4.91 4.82 2.27
C THR A 8 -5.44 5.15 0.88
N THR A 9 -5.20 6.38 0.44
CA THR A 9 -5.65 6.81 -0.87
C THR A 9 -5.14 5.89 -1.97
N ILE A 10 -3.83 5.67 -2.00
CA ILE A 10 -3.22 4.80 -2.99
C ILE A 10 -3.16 3.36 -2.49
N HIS A 11 -3.19 3.20 -1.17
CA HIS A 11 -3.12 1.87 -0.57
C HIS A 11 -4.23 0.97 -1.12
N ASN A 12 -5.25 1.58 -1.69
CA ASN A 12 -6.37 0.84 -2.26
C ASN A 12 -5.98 0.21 -3.60
N LEU A 13 -4.91 0.72 -4.19
CA LEU A 13 -4.43 0.22 -5.47
C LEU A 13 -3.02 -0.35 -5.35
N PHE A 14 -2.31 0.08 -4.30
CA PHE A 14 -0.95 -0.38 -4.07
C PHE A 14 -0.94 -1.79 -3.50
N ARG A 15 -2.05 -2.17 -2.86
CA ARG A 15 -2.16 -3.50 -2.25
C ARG A 15 -1.91 -4.59 -3.29
N LYS A 16 -2.16 -4.26 -4.56
CA LYS A 16 -1.95 -5.21 -5.65
C LYS A 16 -0.47 -5.46 -5.89
N LEU A 17 0.35 -4.48 -5.52
CA LEU A 17 1.79 -4.60 -5.69
C LEU A 17 2.41 -5.43 -4.56
N THR A 18 1.85 -5.30 -3.36
CA THR A 18 2.33 -6.04 -2.20
C THR A 18 2.39 -7.53 -2.49
N HIS A 19 1.37 -8.04 -3.18
CA HIS A 19 1.30 -9.46 -3.51
C HIS A 19 2.50 -9.87 -4.36
N ARG A 20 3.14 -8.90 -4.99
CA ARG A 20 4.30 -9.16 -5.82
C ARG A 20 5.59 -8.73 -5.13
N LEU A 21 5.46 -7.84 -4.15
CA LEU A 21 6.61 -7.34 -3.41
C LEU A 21 6.65 -7.94 -2.01
N PHE A 22 5.79 -7.44 -1.12
CA PHE A 22 5.72 -7.93 0.24
C PHE A 22 5.60 -9.45 0.28
N ARG A 23 4.90 -10.00 -0.71
CA ARG A 23 4.70 -11.44 -0.79
C ARG A 23 5.97 -12.14 -1.29
N ARG A 24 6.73 -11.46 -2.14
CA ARG A 24 7.96 -12.00 -2.69
C ARG A 24 8.87 -12.50 -1.57
N TRP A 1 4.57 3.94 10.89
CA TRP A 1 4.01 4.93 9.98
C TRP A 1 2.71 5.53 10.55
N TRP A 2 2.78 6.78 10.96
CA TRP A 2 1.62 7.46 11.52
C TRP A 2 0.87 8.24 10.44
N TRP A 3 1.58 8.60 9.38
CA TRP A 3 0.98 9.35 8.27
C TRP A 3 0.35 8.40 7.25
N LYS A 4 0.05 7.17 7.69
CA LYS A 4 -0.55 6.17 6.83
C LYS A 4 -1.87 6.68 6.25
N TYR A 5 -2.45 7.69 6.89
CA TYR A 5 -3.71 8.26 6.45
C TYR A 5 -3.60 8.79 5.02
N GLU A 6 -2.39 9.19 4.65
CA GLU A 6 -2.15 9.72 3.30
C GLU A 6 -1.76 8.59 2.34
N ILE A 7 -1.72 7.37 2.87
CA ILE A 7 -1.35 6.20 2.06
C ILE A 7 -2.60 5.41 1.65
N THR A 8 -3.55 5.31 2.57
CA THR A 8 -4.78 4.59 2.32
C THR A 8 -5.39 4.99 0.98
N THR A 9 -5.16 6.23 0.58
CA THR A 9 -5.69 6.74 -0.68
C THR A 9 -5.26 5.85 -1.85
N ILE A 10 -3.95 5.62 -1.97
CA ILE A 10 -3.43 4.80 -3.04
C ILE A 10 -3.34 3.34 -2.61
N HIS A 11 -3.29 3.11 -1.31
CA HIS A 11 -3.21 1.75 -0.77
C HIS A 11 -4.35 0.89 -1.30
N ASN A 12 -5.41 1.54 -1.78
CA ASN A 12 -6.57 0.84 -2.30
C ASN A 12 -6.28 0.27 -3.69
N LEU A 13 -5.23 0.80 -4.33
CA LEU A 13 -4.84 0.34 -5.65
C LEU A 13 -3.42 -0.23 -5.64
N PHE A 14 -2.65 0.13 -4.62
CA PHE A 14 -1.28 -0.35 -4.49
C PHE A 14 -1.26 -1.78 -3.99
N ARG A 15 -2.32 -2.18 -3.27
CA ARG A 15 -2.42 -3.52 -2.73
C ARG A 15 -2.23 -4.57 -3.83
N LYS A 16 -2.69 -4.24 -5.03
CA LYS A 16 -2.57 -5.14 -6.17
C LYS A 16 -1.12 -5.49 -6.44
N LEU A 17 -0.22 -4.59 -6.06
CA LEU A 17 1.21 -4.80 -6.26
C LEU A 17 1.85 -5.47 -5.06
N THR A 18 1.34 -5.13 -3.87
CA THR A 18 1.86 -5.69 -2.63
C THR A 18 1.71 -7.21 -2.61
N HIS A 19 0.62 -7.70 -3.20
CA HIS A 19 0.36 -9.14 -3.25
C HIS A 19 1.58 -9.89 -3.78
N ARG A 20 2.35 -9.23 -4.64
CA ARG A 20 3.54 -9.85 -5.22
C ARG A 20 4.81 -9.22 -4.64
N LEU A 21 4.70 -7.96 -4.21
CA LEU A 21 5.83 -7.25 -3.63
C LEU A 21 6.05 -7.66 -2.19
N PHE A 22 5.19 -7.17 -1.30
CA PHE A 22 5.29 -7.48 0.12
C PHE A 22 5.38 -8.98 0.34
N ARG A 23 4.68 -9.73 -0.50
CA ARG A 23 4.67 -11.19 -0.40
C ARG A 23 5.90 -11.79 -1.08
N ARG A 24 6.35 -11.14 -2.15
CA ARG A 24 7.51 -11.61 -2.90
C ARG A 24 7.24 -12.98 -3.51
N TRP A 1 3.99 4.72 11.31
CA TRP A 1 3.43 5.66 10.36
C TRP A 1 2.08 6.18 10.83
N TRP A 2 2.04 7.45 11.21
CA TRP A 2 0.81 8.08 11.67
C TRP A 2 0.10 8.81 10.54
N TRP A 3 0.85 9.15 9.50
CA TRP A 3 0.28 9.84 8.34
C TRP A 3 -0.29 8.86 7.34
N LYS A 4 -0.53 7.63 7.79
CA LYS A 4 -1.10 6.59 6.92
C LYS A 4 -2.42 7.05 6.31
N TYR A 5 -3.04 8.04 6.94
CA TYR A 5 -4.32 8.56 6.46
C TYR A 5 -4.20 9.07 5.02
N GLU A 6 -2.99 9.52 4.67
CA GLU A 6 -2.74 10.03 3.32
C GLU A 6 -2.22 8.93 2.40
N ILE A 7 -2.14 7.71 2.94
CA ILE A 7 -1.66 6.57 2.18
C ILE A 7 -2.82 5.70 1.71
N THR A 8 -3.82 5.54 2.57
CA THR A 8 -4.99 4.73 2.25
C THR A 8 -5.53 5.09 0.87
N THR A 9 -5.36 6.34 0.47
CA THR A 9 -5.84 6.81 -0.83
C THR A 9 -5.29 5.94 -1.95
N ILE A 10 -3.97 5.80 -1.99
CA ILE A 10 -3.33 4.99 -3.02
C ILE A 10 -3.18 3.54 -2.57
N HIS A 11 -3.19 3.33 -1.26
CA HIS A 11 -3.07 1.98 -0.71
C HIS A 11 -4.12 1.05 -1.29
N ASN A 12 -5.19 1.63 -1.84
CA ASN A 12 -6.27 0.85 -2.43
C ASN A 12 -5.85 0.29 -3.79
N LEU A 13 -4.81 0.88 -4.36
CA LEU A 13 -4.31 0.45 -5.67
C LEU A 13 -2.86 -0.04 -5.56
N PHE A 14 -2.18 0.37 -4.51
CA PHE A 14 -0.80 -0.02 -4.28
C PHE A 14 -0.71 -1.45 -3.76
N ARG A 15 -1.78 -1.89 -3.10
CA ARG A 15 -1.82 -3.25 -2.55
C ARG A 15 -1.53 -4.29 -3.63
N LYS A 16 -1.92 -3.98 -4.86
CA LYS A 16 -1.70 -4.89 -5.98
C LYS A 16 -0.23 -5.14 -6.19
N LEU A 17 0.60 -4.18 -5.77
CA LEU A 17 2.05 -4.30 -5.92
C LEU A 17 2.68 -4.88 -4.66
N THR A 18 2.06 -4.61 -3.51
CA THR A 18 2.55 -5.10 -2.24
C THR A 18 2.50 -6.63 -2.18
N HIS A 19 1.44 -7.20 -2.77
CA HIS A 19 1.27 -8.64 -2.79
C HIS A 19 2.40 -9.32 -3.55
N ARG A 20 3.01 -8.57 -4.47
CA ARG A 20 4.10 -9.10 -5.28
C ARG A 20 5.44 -8.56 -4.80
N LEU A 21 5.39 -7.57 -3.91
CA LEU A 21 6.60 -6.96 -3.37
C LEU A 21 6.99 -7.62 -2.05
N PHE A 22 6.00 -8.02 -1.27
CA PHE A 22 6.24 -8.66 0.02
C PHE A 22 6.34 -10.17 -0.14
N ARG A 23 5.69 -10.70 -1.17
CA ARG A 23 5.71 -12.13 -1.43
C ARG A 23 6.73 -12.48 -2.51
N ARG A 24 7.01 -11.51 -3.38
CA ARG A 24 7.98 -11.72 -4.46
C ARG A 24 8.84 -10.48 -4.66
N TRP A 1 3.13 4.11 11.37
CA TRP A 1 2.75 5.18 10.45
C TRP A 1 1.42 5.81 10.88
N TRP A 2 1.49 7.04 11.37
CA TRP A 2 0.31 7.76 11.83
C TRP A 2 -0.29 8.59 10.70
N TRP A 3 0.54 8.95 9.73
CA TRP A 3 0.10 9.74 8.59
C TRP A 3 -0.44 8.85 7.48
N LYS A 4 -0.83 7.63 7.84
CA LYS A 4 -1.37 6.68 6.88
C LYS A 4 -2.58 7.25 6.17
N TYR A 5 -3.19 8.27 6.77
CA TYR A 5 -4.37 8.91 6.19
C TYR A 5 -4.06 9.46 4.80
N GLU A 6 -2.80 9.78 4.57
CA GLU A 6 -2.37 10.32 3.28
C GLU A 6 -1.86 9.21 2.37
N ILE A 7 -1.79 7.99 2.91
CA ILE A 7 -1.32 6.84 2.15
C ILE A 7 -2.49 5.97 1.69
N THR A 8 -3.48 5.83 2.56
CA THR A 8 -4.66 5.03 2.25
C THR A 8 -5.22 5.38 0.88
N THR A 9 -4.98 6.61 0.45
CA THR A 9 -5.48 7.08 -0.84
C THR A 9 -4.97 6.18 -1.97
N ILE A 10 -3.67 5.94 -1.99
CA ILE A 10 -3.07 5.10 -3.02
C ILE A 10 -2.90 3.67 -2.52
N HIS A 11 -2.86 3.50 -1.20
CA HIS A 11 -2.71 2.18 -0.61
C HIS A 11 -3.78 1.22 -1.11
N ASN A 12 -4.87 1.78 -1.62
CA ASN A 12 -5.97 0.97 -2.14
C ASN A 12 -5.62 0.38 -3.50
N LEU A 13 -4.58 0.93 -4.13
CA LEU A 13 -4.13 0.45 -5.44
C LEU A 13 -2.70 -0.06 -5.37
N PHE A 14 -1.95 0.44 -4.40
CA PHE A 14 -0.56 0.03 -4.23
C PHE A 14 -0.47 -1.37 -3.63
N ARG A 15 -1.51 -1.76 -2.89
CA ARG A 15 -1.55 -3.07 -2.26
C ARG A 15 -1.34 -4.18 -3.29
N LYS A 16 -1.77 -3.92 -4.52
CA LYS A 16 -1.62 -4.90 -5.59
C LYS A 16 -0.14 -5.14 -5.92
N LEU A 17 0.68 -4.12 -5.66
CA LEU A 17 2.11 -4.22 -5.92
C LEU A 17 2.85 -4.82 -4.73
N THR A 18 2.34 -4.55 -3.53
CA THR A 18 2.95 -5.07 -2.31
C THR A 18 2.87 -6.59 -2.25
N HIS A 19 1.76 -7.14 -2.75
CA HIS A 19 1.57 -8.59 -2.76
C HIS A 19 2.62 -9.27 -3.64
N ARG A 20 3.14 -8.53 -4.60
CA ARG A 20 4.16 -9.07 -5.50
C ARG A 20 5.55 -8.54 -5.15
N LEU A 21 5.58 -7.55 -4.25
CA LEU A 21 6.84 -6.96 -3.82
C LEU A 21 7.35 -7.63 -2.54
N PHE A 22 6.42 -8.03 -1.68
CA PHE A 22 6.78 -8.68 -0.43
C PHE A 22 6.84 -10.20 -0.60
N ARG A 23 6.07 -10.71 -1.56
CA ARG A 23 6.03 -12.15 -1.83
C ARG A 23 6.92 -12.50 -3.01
N ARG A 24 7.11 -11.54 -3.91
CA ARG A 24 7.93 -11.75 -5.09
C ARG A 24 8.91 -10.59 -5.29
N TRP A 1 2.25 3.88 11.89
CA TRP A 1 2.03 4.97 10.95
C TRP A 1 0.72 5.69 11.26
N TRP A 2 0.83 6.92 11.76
CA TRP A 2 -0.35 7.72 12.09
C TRP A 2 -0.77 8.58 10.92
N TRP A 3 0.19 8.89 10.03
CA TRP A 3 -0.09 9.71 8.87
C TRP A 3 -0.57 8.86 7.70
N LYS A 4 -1.08 7.66 8.02
CA LYS A 4 -1.58 6.76 7.00
C LYS A 4 -2.68 7.42 6.17
N TYR A 5 -3.27 8.47 6.72
CA TYR A 5 -4.33 9.20 6.03
C TYR A 5 -3.84 9.73 4.68
N GLU A 6 -2.54 9.95 4.57
CA GLU A 6 -1.95 10.45 3.34
C GLU A 6 -1.44 9.31 2.47
N ILE A 7 -1.50 8.10 3.02
CA ILE A 7 -1.04 6.91 2.29
C ILE A 7 -2.22 6.13 1.72
N THR A 8 -3.30 6.06 2.48
CA THR A 8 -4.49 5.34 2.06
C THR A 8 -4.89 5.73 0.64
N THR A 9 -4.52 6.94 0.24
CA THR A 9 -4.84 7.45 -1.10
C THR A 9 -4.30 6.51 -2.18
N ILE A 10 -3.02 6.18 -2.07
CA ILE A 10 -2.38 5.30 -3.04
C ILE A 10 -2.36 3.85 -2.53
N HIS A 11 -2.47 3.69 -1.22
CA HIS A 11 -2.47 2.36 -0.61
C HIS A 11 -3.54 1.48 -1.23
N ASN A 12 -4.54 2.12 -1.84
CA ASN A 12 -5.64 1.39 -2.47
C ASN A 12 -5.20 0.78 -3.80
N LEU A 13 -4.09 1.26 -4.33
CA LEU A 13 -3.56 0.76 -5.59
C LEU A 13 -2.16 0.17 -5.40
N PHE A 14 -1.51 0.57 -4.32
CA PHE A 14 -0.16 0.08 -4.03
C PHE A 14 -0.21 -1.34 -3.47
N ARG A 15 -1.33 -1.68 -2.85
CA ARG A 15 -1.50 -3.01 -2.27
C ARG A 15 -1.32 -4.10 -3.32
N LYS A 16 -1.95 -3.92 -4.47
CA LYS A 16 -1.85 -4.89 -5.56
C LYS A 16 -0.39 -5.08 -5.97
N LEU A 17 0.44 -4.09 -5.69
CA LEU A 17 1.86 -4.15 -6.03
C LEU A 17 2.64 -4.91 -4.97
N THR A 18 2.21 -4.78 -3.72
CA THR A 18 2.87 -5.46 -2.60
C THR A 18 2.78 -6.97 -2.74
N HIS A 19 1.61 -7.45 -3.16
CA HIS A 19 1.39 -8.89 -3.34
C HIS A 19 2.33 -9.45 -4.39
N ARG A 20 2.89 -8.57 -5.21
CA ARG A 20 3.82 -8.98 -6.26
C ARG A 20 5.25 -8.57 -5.92
N LEU A 21 5.38 -7.67 -4.96
CA LEU A 21 6.70 -7.20 -4.53
C LEU A 21 7.01 -7.66 -3.12
N PHE A 22 6.39 -7.03 -2.14
CA PHE A 22 6.60 -7.38 -0.74
C PHE A 22 6.40 -8.88 -0.52
N ARG A 23 5.43 -9.45 -1.22
CA ARG A 23 5.14 -10.88 -1.10
C ARG A 23 6.37 -11.71 -1.42
N ARG A 24 7.22 -11.18 -2.29
CA ARG A 24 8.44 -11.88 -2.69
C ARG A 24 9.55 -11.68 -1.67
N TRP A 1 4.18 3.99 11.27
CA TRP A 1 3.67 4.98 10.32
C TRP A 1 2.36 5.57 10.81
N TRP A 2 2.40 6.84 11.23
CA TRP A 2 1.21 7.52 11.72
C TRP A 2 0.52 8.29 10.60
N TRP A 3 1.28 8.64 9.56
CA TRP A 3 0.74 9.38 8.43
C TRP A 3 0.17 8.42 7.39
N LYS A 4 -0.15 7.21 7.82
CA LYS A 4 -0.72 6.21 6.92
C LYS A 4 -2.00 6.70 6.27
N TYR A 5 -2.60 7.72 6.89
CA TYR A 5 -3.84 8.29 6.38
C TYR A 5 -3.65 8.80 4.94
N GLU A 6 -2.43 9.21 4.63
CA GLU A 6 -2.12 9.72 3.30
C GLU A 6 -1.68 8.59 2.37
N ILE A 7 -1.67 7.37 2.90
CA ILE A 7 -1.27 6.21 2.12
C ILE A 7 -2.48 5.41 1.66
N THR A 8 -3.49 5.32 2.53
CA THR A 8 -4.70 4.59 2.21
C THR A 8 -5.24 4.99 0.84
N THR A 9 -4.99 6.23 0.45
CA THR A 9 -5.44 6.72 -0.85
C THR A 9 -4.96 5.83 -1.98
N ILE A 10 -3.65 5.60 -2.03
CA ILE A 10 -3.06 4.77 -3.07
C ILE A 10 -3.00 3.31 -2.64
N HIS A 11 -3.03 3.08 -1.32
CA HIS A 11 -2.97 1.74 -0.77
C HIS A 11 -4.09 0.87 -1.36
N ASN A 12 -5.12 1.52 -1.89
CA ASN A 12 -6.25 0.82 -2.48
C ASN A 12 -5.87 0.24 -3.84
N LEU A 13 -4.81 0.76 -4.42
CA LEU A 13 -4.34 0.30 -5.73
C LEU A 13 -2.94 -0.27 -5.64
N PHE A 14 -2.22 0.10 -4.58
CA PHE A 14 -0.86 -0.38 -4.37
C PHE A 14 -0.86 -1.82 -3.86
N ARG A 15 -1.94 -2.20 -3.19
CA ARG A 15 -2.07 -3.55 -2.64
C ARG A 15 -1.90 -4.60 -3.75
N LYS A 16 -2.20 -4.21 -4.97
CA LYS A 16 -2.07 -5.12 -6.11
C LYS A 16 -0.61 -5.35 -6.46
N LEU A 17 0.24 -4.40 -6.12
CA LEU A 17 1.67 -4.50 -6.40
C LEU A 17 2.39 -5.21 -5.26
N THR A 18 1.92 -5.00 -4.04
CA THR A 18 2.51 -5.61 -2.86
C THR A 18 2.67 -7.12 -3.05
N HIS A 19 1.72 -7.72 -3.75
CA HIS A 19 1.74 -9.16 -4.00
C HIS A 19 3.11 -9.59 -4.55
N ARG A 20 3.77 -8.67 -5.24
CA ARG A 20 5.08 -8.96 -5.82
C ARG A 20 6.15 -8.09 -5.18
N LEU A 21 5.75 -6.94 -4.65
CA LEU A 21 6.68 -6.02 -4.01
C LEU A 21 7.42 -6.70 -2.87
N PHE A 22 6.69 -7.03 -1.80
CA PHE A 22 7.28 -7.68 -0.64
C PHE A 22 6.63 -9.03 -0.39
N ARG A 23 5.34 -9.13 -0.73
CA ARG A 23 4.59 -10.36 -0.54
C ARG A 23 5.19 -11.50 -1.36
N ARG A 24 5.72 -11.16 -2.53
CA ARG A 24 6.32 -12.16 -3.42
C ARG A 24 5.34 -13.26 -3.75
N TRP A 1 3.82 4.38 11.00
CA TRP A 1 3.53 5.51 10.10
C TRP A 1 2.38 6.35 10.66
N TRP A 2 2.70 7.56 11.07
CA TRP A 2 1.69 8.47 11.61
C TRP A 2 0.92 9.17 10.50
N TRP A 3 1.60 9.42 9.39
CA TRP A 3 0.97 10.07 8.24
C TRP A 3 0.35 9.05 7.30
N LYS A 4 -0.05 7.91 7.84
CA LYS A 4 -0.66 6.85 7.06
C LYS A 4 -1.97 7.31 6.44
N TYR A 5 -2.50 8.43 6.95
CA TYR A 5 -3.75 8.97 6.46
C TYR A 5 -3.64 9.36 4.98
N GLU A 6 -2.41 9.68 4.56
CA GLU A 6 -2.16 10.06 3.18
C GLU A 6 -1.78 8.86 2.33
N ILE A 7 -1.59 7.72 2.99
CA ILE A 7 -1.23 6.48 2.30
C ILE A 7 -2.47 5.72 1.84
N THR A 8 -3.51 5.76 2.67
CA THR A 8 -4.76 5.07 2.36
C THR A 8 -5.24 5.41 0.95
N THR A 9 -4.84 6.58 0.46
CA THR A 9 -5.23 7.03 -0.87
C THR A 9 -4.72 6.07 -1.94
N ILE A 10 -3.40 5.86 -1.96
CA ILE A 10 -2.79 4.96 -2.93
C ILE A 10 -2.84 3.51 -2.45
N HIS A 11 -2.93 3.33 -1.14
CA HIS A 11 -3.00 1.99 -0.56
C HIS A 11 -4.15 1.20 -1.15
N ASN A 12 -5.11 1.90 -1.74
CA ASN A 12 -6.27 1.26 -2.34
C ASN A 12 -5.91 0.63 -3.69
N LEU A 13 -4.79 1.06 -4.25
CA LEU A 13 -4.33 0.55 -5.54
C LEU A 13 -2.95 -0.10 -5.40
N PHE A 14 -2.26 0.23 -4.32
CA PHE A 14 -0.93 -0.34 -4.08
C PHE A 14 -1.03 -1.77 -3.56
N ARG A 15 -2.15 -2.08 -2.93
CA ARG A 15 -2.37 -3.43 -2.39
C ARG A 15 -2.21 -4.48 -3.48
N LYS A 16 -2.47 -4.09 -4.72
CA LYS A 16 -2.35 -5.00 -5.85
C LYS A 16 -0.90 -5.37 -6.11
N LEU A 17 0.01 -4.48 -5.71
CA LEU A 17 1.44 -4.70 -5.90
C LEU A 17 2.03 -5.44 -4.70
N THR A 18 1.49 -5.17 -3.52
CA THR A 18 1.97 -5.80 -2.30
C THR A 18 1.92 -7.32 -2.41
N HIS A 19 0.88 -7.83 -3.07
CA HIS A 19 0.73 -9.27 -3.25
C HIS A 19 1.96 -9.88 -3.92
N ARG A 20 2.67 -9.06 -4.67
CA ARG A 20 3.87 -9.51 -5.37
C ARG A 20 5.13 -9.05 -4.65
N LEU A 21 5.02 -7.94 -3.92
CA LEU A 21 6.14 -7.40 -3.17
C LEU A 21 6.52 -8.31 -2.01
N PHE A 22 5.71 -8.28 -0.95
CA PHE A 22 5.96 -9.10 0.23
C PHE A 22 6.14 -10.57 -0.15
N ARG A 23 5.44 -10.98 -1.20
CA ARG A 23 5.54 -12.37 -1.68
C ARG A 23 6.88 -12.62 -2.34
N ARG A 24 7.42 -11.60 -2.99
CA ARG A 24 8.70 -11.72 -3.67
C ARG A 24 8.65 -12.80 -4.75
N TRP A 1 3.80 4.61 10.77
CA TRP A 1 3.52 5.78 9.94
C TRP A 1 2.36 6.58 10.50
N TRP A 2 2.66 7.80 10.96
CA TRP A 2 1.65 8.67 11.53
C TRP A 2 0.82 9.32 10.43
N TRP A 3 1.46 9.61 9.31
CA TRP A 3 0.78 10.23 8.18
C TRP A 3 0.19 9.18 7.24
N LYS A 4 -0.15 8.03 7.81
CA LYS A 4 -0.73 6.95 7.02
C LYS A 4 -2.07 7.36 6.42
N TYR A 5 -2.64 8.44 6.94
CA TYR A 5 -3.91 8.94 6.45
C TYR A 5 -3.82 9.33 4.98
N GLU A 6 -2.64 9.75 4.56
CA GLU A 6 -2.42 10.15 3.17
C GLU A 6 -2.01 8.94 2.32
N ILE A 7 -1.79 7.82 2.97
CA ILE A 7 -1.39 6.59 2.28
C ILE A 7 -2.61 5.78 1.85
N THR A 8 -3.64 5.78 2.69
CA THR A 8 -4.87 5.05 2.40
C THR A 8 -5.38 5.38 1.01
N THR A 9 -5.04 6.56 0.52
CA THR A 9 -5.47 6.99 -0.81
C THR A 9 -4.94 6.05 -1.90
N ILE A 10 -3.62 5.87 -1.93
CA ILE A 10 -3.00 5.00 -2.91
C ILE A 10 -2.98 3.55 -2.44
N HIS A 11 -3.04 3.37 -1.12
CA HIS A 11 -3.04 2.03 -0.53
C HIS A 11 -4.19 1.19 -1.10
N ASN A 12 -5.18 1.86 -1.68
CA ASN A 12 -6.33 1.18 -2.25
C ASN A 12 -5.98 0.57 -3.61
N LEU A 13 -4.87 1.04 -4.19
CA LEU A 13 -4.43 0.53 -5.48
C LEU A 13 -3.03 -0.07 -5.38
N PHE A 14 -2.32 0.28 -4.31
CA PHE A 14 -0.98 -0.23 -4.09
C PHE A 14 -1.01 -1.66 -3.57
N ARG A 15 -2.12 -2.02 -2.93
CA ARG A 15 -2.28 -3.37 -2.38
C ARG A 15 -2.06 -4.43 -3.46
N LYS A 16 -2.38 -4.07 -4.70
CA LYS A 16 -2.23 -4.98 -5.83
C LYS A 16 -0.76 -5.35 -6.02
N LEU A 17 0.13 -4.46 -5.58
CA LEU A 17 1.57 -4.69 -5.70
C LEU A 17 2.14 -5.33 -4.44
N THR A 18 1.55 -4.98 -3.30
CA THR A 18 2.00 -5.52 -2.02
C THR A 18 1.97 -7.04 -2.03
N HIS A 19 0.95 -7.60 -2.68
CA HIS A 19 0.80 -9.05 -2.76
C HIS A 19 1.98 -9.68 -3.49
N ARG A 20 2.66 -8.88 -4.30
CA ARG A 20 3.80 -9.36 -5.06
C ARG A 20 5.11 -8.86 -4.45
N LEU A 21 5.01 -7.85 -3.59
CA LEU A 21 6.18 -7.28 -2.93
C LEU A 21 6.48 -8.01 -1.63
N PHE A 22 5.43 -8.44 -0.94
CA PHE A 22 5.58 -9.16 0.32
C PHE A 22 5.75 -10.64 0.09
N ARG A 23 5.21 -11.12 -1.03
CA ARG A 23 5.30 -12.54 -1.37
C ARG A 23 6.74 -12.93 -1.71
N ARG A 24 7.49 -11.99 -2.25
CA ARG A 24 8.87 -12.23 -2.62
C ARG A 24 9.78 -12.22 -1.39
N TRP A 1 4.57 4.50 10.89
CA TRP A 1 4.00 5.44 9.92
C TRP A 1 2.71 6.05 10.45
N TRP A 2 2.76 7.34 10.77
CA TRP A 2 1.59 8.05 11.30
C TRP A 2 0.86 8.77 10.18
N TRP A 3 1.57 9.04 9.08
CA TRP A 3 0.97 9.72 7.94
C TRP A 3 0.29 8.74 7.00
N LYS A 4 0.01 7.55 7.51
CA LYS A 4 -0.65 6.51 6.72
C LYS A 4 -1.98 7.01 6.17
N TYR A 5 -2.51 8.06 6.79
CA TYR A 5 -3.79 8.63 6.36
C TYR A 5 -3.72 9.08 4.90
N GLU A 6 -2.52 9.45 4.47
CA GLU A 6 -2.32 9.90 3.09
C GLU A 6 -1.92 8.73 2.19
N ILE A 7 -1.86 7.54 2.77
CA ILE A 7 -1.49 6.35 2.01
C ILE A 7 -2.73 5.52 1.65
N THR A 8 -3.68 5.46 2.57
CA THR A 8 -4.91 4.70 2.34
C THR A 8 -5.51 5.03 0.99
N THR A 9 -5.30 6.26 0.54
CA THR A 9 -5.83 6.70 -0.75
C THR A 9 -5.39 5.78 -1.88
N ILE A 10 -4.09 5.56 -1.98
CA ILE A 10 -3.53 4.68 -3.02
C ILE A 10 -3.44 3.25 -2.52
N HIS A 11 -3.39 3.08 -1.21
CA HIS A 11 -3.30 1.75 -0.61
C HIS A 11 -4.43 0.85 -1.10
N ASN A 12 -5.50 1.47 -1.60
CA ASN A 12 -6.65 0.73 -2.11
C ASN A 12 -6.34 0.11 -3.47
N LEU A 13 -5.30 0.62 -4.12
CA LEU A 13 -4.91 0.11 -5.44
C LEU A 13 -3.49 -0.45 -5.39
N PHE A 14 -2.73 -0.04 -4.39
CA PHE A 14 -1.35 -0.50 -4.23
C PHE A 14 -1.31 -1.91 -3.66
N ARG A 15 -2.41 -2.32 -3.04
CA ARG A 15 -2.50 -3.65 -2.45
C ARG A 15 -2.26 -4.74 -3.50
N LYS A 16 -2.49 -4.38 -4.76
CA LYS A 16 -2.29 -5.31 -5.86
C LYS A 16 -0.80 -5.49 -6.18
N LEU A 17 0.00 -4.56 -5.69
CA LEU A 17 1.44 -4.62 -5.92
C LEU A 17 2.12 -5.57 -4.94
N THR A 18 1.54 -5.69 -3.75
CA THR A 18 2.08 -6.56 -2.71
C THR A 18 2.34 -7.96 -3.26
N HIS A 19 1.51 -8.39 -4.21
CA HIS A 19 1.66 -9.70 -4.82
C HIS A 19 3.10 -9.93 -5.28
N ARG A 20 3.77 -8.85 -5.65
CA ARG A 20 5.15 -8.92 -6.12
C ARG A 20 6.09 -8.17 -5.18
N LEU A 21 5.54 -7.21 -4.45
CA LEU A 21 6.32 -6.41 -3.51
C LEU A 21 7.02 -7.30 -2.48
N PHE A 22 6.23 -7.90 -1.60
CA PHE A 22 6.77 -8.77 -0.56
C PHE A 22 6.18 -10.18 -0.69
N ARG A 23 4.95 -10.26 -1.15
CA ARG A 23 4.27 -11.54 -1.32
C ARG A 23 5.07 -12.46 -2.23
N ARG A 24 5.86 -11.87 -3.12
CA ARG A 24 6.68 -12.64 -4.05
C ARG A 24 7.52 -13.68 -3.31
N TRP A 1 3.70 4.47 11.51
CA TRP A 1 3.24 5.45 10.55
C TRP A 1 1.91 6.06 10.99
N TRP A 2 1.96 7.33 11.38
CA TRP A 2 0.75 8.03 11.83
C TRP A 2 0.11 8.79 10.69
N TRP A 3 0.90 9.12 9.68
CA TRP A 3 0.41 9.85 8.52
C TRP A 3 -0.14 8.90 7.46
N LYS A 4 -0.49 7.69 7.90
CA LYS A 4 -1.03 6.68 6.99
C LYS A 4 -2.29 7.19 6.30
N TYR A 5 -2.91 8.21 6.88
CA TYR A 5 -4.12 8.80 6.32
C TYR A 5 -3.88 9.30 4.90
N GLU A 6 -2.64 9.68 4.62
CA GLU A 6 -2.28 10.18 3.29
C GLU A 6 -1.82 9.03 2.39
N ILE A 7 -1.83 7.82 2.93
CA ILE A 7 -1.43 6.65 2.18
C ILE A 7 -2.63 5.86 1.69
N THR A 8 -3.67 5.78 2.52
CA THR A 8 -4.88 5.06 2.17
C THR A 8 -5.36 5.45 0.77
N THR A 9 -5.10 6.68 0.38
CA THR A 9 -5.50 7.17 -0.93
C THR A 9 -4.99 6.27 -2.04
N ILE A 10 -3.68 6.03 -2.05
CA ILE A 10 -3.07 5.17 -3.06
C ILE A 10 -3.04 3.72 -2.60
N HIS A 11 -3.10 3.51 -1.29
CA HIS A 11 -3.09 2.16 -0.73
C HIS A 11 -4.19 1.31 -1.34
N ASN A 12 -5.20 1.96 -1.91
CA ASN A 12 -6.31 1.25 -2.54
C ASN A 12 -5.91 0.67 -3.88
N LEU A 13 -4.81 1.17 -4.43
CA LEU A 13 -4.31 0.70 -5.72
C LEU A 13 -2.91 0.11 -5.58
N PHE A 14 -2.22 0.48 -4.50
CA PHE A 14 -0.88 -0.02 -4.24
C PHE A 14 -0.91 -1.45 -3.72
N ARG A 15 -2.03 -1.81 -3.09
CA ARG A 15 -2.18 -3.15 -2.53
C ARG A 15 -1.98 -4.21 -3.61
N LYS A 16 -2.23 -3.84 -4.86
CA LYS A 16 -2.08 -4.75 -5.98
C LYS A 16 -0.61 -5.00 -6.28
N LEU A 17 0.25 -4.05 -5.92
CA LEU A 17 1.67 -4.17 -6.14
C LEU A 17 2.34 -4.91 -4.99
N THR A 18 1.82 -4.74 -3.79
CA THR A 18 2.36 -5.39 -2.61
C THR A 18 2.41 -6.90 -2.80
N HIS A 19 1.40 -7.45 -3.46
CA HIS A 19 1.32 -8.89 -3.71
C HIS A 19 2.49 -9.35 -4.58
N ARG A 20 3.08 -8.40 -5.32
CA ARG A 20 4.20 -8.72 -6.18
C ARG A 20 5.52 -8.21 -5.59
N LEU A 21 5.40 -7.33 -4.61
CA LEU A 21 6.58 -6.76 -3.95
C LEU A 21 7.00 -7.61 -2.76
N PHE A 22 6.01 -8.18 -2.07
CA PHE A 22 6.28 -9.02 -0.91
C PHE A 22 6.41 -10.49 -1.32
N ARG A 23 5.71 -10.87 -2.37
CA ARG A 23 5.74 -12.24 -2.87
C ARG A 23 6.34 -12.31 -4.26
N ARG A 24 7.21 -11.35 -4.57
CA ARG A 24 7.86 -11.29 -5.88
C ARG A 24 6.88 -11.69 -6.99
N TRP A 1 4.33 3.92 10.23
CA TRP A 1 3.81 5.06 9.49
C TRP A 1 2.58 5.63 10.18
N TRP A 2 2.71 6.83 10.73
CA TRP A 2 1.61 7.48 11.43
C TRP A 2 0.71 8.23 10.44
N TRP A 3 1.32 8.74 9.37
CA TRP A 3 0.57 9.46 8.35
C TRP A 3 0.05 8.52 7.27
N LYS A 4 -0.18 7.27 7.65
CA LYS A 4 -0.68 6.26 6.72
C LYS A 4 -2.05 6.66 6.19
N TYR A 5 -2.70 7.60 6.86
CA TYR A 5 -4.02 8.06 6.45
C TYR A 5 -3.98 8.64 5.05
N GLU A 6 -2.82 9.19 4.66
CA GLU A 6 -2.66 9.78 3.34
C GLU A 6 -2.16 8.74 2.34
N ILE A 7 -1.99 7.51 2.82
CA ILE A 7 -1.52 6.42 1.97
C ILE A 7 -2.68 5.52 1.54
N THR A 8 -3.61 5.29 2.45
CA THR A 8 -4.77 4.45 2.16
C THR A 8 -5.41 4.85 0.83
N THR A 9 -5.30 6.12 0.48
CA THR A 9 -5.88 6.62 -0.77
C THR A 9 -5.36 5.83 -1.96
N ILE A 10 -4.04 5.74 -2.08
CA ILE A 10 -3.43 5.00 -3.19
C ILE A 10 -3.20 3.54 -2.81
N HIS A 11 -3.14 3.27 -1.51
CA HIS A 11 -2.92 1.92 -1.02
C HIS A 11 -3.97 0.97 -1.59
N ASN A 12 -5.09 1.52 -2.05
CA ASN A 12 -6.17 0.73 -2.61
C ASN A 12 -5.82 0.25 -4.02
N LEU A 13 -4.84 0.90 -4.63
CA LEU A 13 -4.40 0.54 -5.97
C LEU A 13 -2.94 0.10 -5.97
N PHE A 14 -2.21 0.50 -4.93
CA PHE A 14 -0.80 0.16 -4.82
C PHE A 14 -0.63 -1.30 -4.37
N ARG A 15 -1.66 -1.83 -3.72
CA ARG A 15 -1.62 -3.20 -3.24
C ARG A 15 -1.32 -4.17 -4.39
N LYS A 16 -1.65 -3.76 -5.61
CA LYS A 16 -1.41 -4.58 -6.78
C LYS A 16 0.08 -4.84 -6.98
N LEU A 17 0.91 -4.05 -6.29
CA LEU A 17 2.36 -4.18 -6.40
C LEU A 17 2.96 -4.56 -5.05
N THR A 18 2.54 -3.87 -4.00
CA THR A 18 3.04 -4.14 -2.66
C THR A 18 2.89 -5.61 -2.30
N HIS A 19 1.67 -6.01 -1.98
CA HIS A 19 1.40 -7.40 -1.62
C HIS A 19 1.93 -8.36 -2.68
N ARG A 20 1.81 -7.95 -3.94
CA ARG A 20 2.28 -8.78 -5.05
C ARG A 20 3.79 -8.94 -5.01
N LEU A 21 4.46 -8.04 -4.28
CA LEU A 21 5.92 -8.09 -4.16
C LEU A 21 6.33 -8.74 -2.84
N PHE A 22 5.84 -8.18 -1.74
CA PHE A 22 6.16 -8.71 -0.42
C PHE A 22 5.88 -10.21 -0.35
N ARG A 23 4.83 -10.65 -1.05
CA ARG A 23 4.46 -12.06 -1.06
C ARG A 23 5.52 -12.90 -1.77
N ARG A 24 6.17 -12.30 -2.77
CA ARG A 24 7.21 -13.00 -3.51
C ARG A 24 6.68 -14.29 -4.12
#